data_9KNH
#
_entry.id   9KNH
#
_cell.length_a   140.316
_cell.length_b   140.316
_cell.length_c   83.819
_cell.angle_alpha   90.00
_cell.angle_beta   90.00
_cell.angle_gamma   120.00
#
_symmetry.space_group_name_H-M   'H 3'
#
loop_
_entity.id
_entity.type
_entity.pdbx_description
1 polymer 'Alpha-ketoglutarate-dependent dioxygenase FTO'
2 non-polymer '2-[[2-chloranyl-4-(3,5-dimethyl-1,2-oxazol-4-yl)-6-fluoranyl-phenyl]amino]-5-methoxy-benzoic acid'
3 non-polymer N-OXALYLGLYCINE
4 non-polymer 'FE (III) ION'
#
_entity_poly.entity_id   1
_entity_poly.type   'polypeptide(L)'
_entity_poly.pdbx_seq_one_letter_code
;GSHMTPKDDEFYQQWQLKYPKLILREASSVSEELHKEVQEAFLTLHKHGCLFRDLVRIQGKDLLTPVSRILIGNPGCTYK
YLNTRLFTVPWPVKGSNIKHTEAEIAAACETFLKLNDYLQIETIQALEELAAKEKANEDAVPLCMSADFPRVGMGSSYNG
QDEVDIKSRAAYNVTLLNFMDPQKMPYLKEEPYFGMGKMAVSWHHDENLVDRSAVAVYSYSCEGPEEESEDDSHLEGRDP
DIWHVGFKISWDIETPGLAIPLHQGDCYFMLDDLNATHQHCVLAGSQPRFSSTHRVAECSTGTLDYILQRCQLALQNVCD
DVDNDDVSLKSFEPAVLKQGEEIHNEVEFEWLRQFWFQGNRYRKCTDWWCQPMAQLEALWKKMEGVTNAVLHEVKREGLP
VEQRNEILTAILASLTARQNLRREWHARCQSRIARTLPADQKPECRPYWEKDDASMPLPFDLTDIVSELRGQLLEAKP
;
_entity_poly.pdbx_strand_id   A
#
# COMPACT_ATOMS: atom_id res chain seq x y z
CA GLY A 1 10.39 -6.63 -30.24
C GLY A 1 11.67 -6.96 -29.50
N SER A 2 12.49 -5.95 -29.26
CA SER A 2 13.74 -6.11 -28.54
C SER A 2 13.95 -4.91 -27.63
N HIS A 3 14.97 -4.98 -26.79
CA HIS A 3 15.32 -3.91 -25.87
C HIS A 3 16.59 -3.22 -26.32
N MET A 4 16.91 -2.11 -25.67
CA MET A 4 18.06 -1.29 -26.03
C MET A 4 18.80 -0.88 -24.77
N THR A 5 20.13 -1.03 -24.80
CA THR A 5 21.00 -0.73 -23.68
C THR A 5 21.98 0.37 -24.08
N PRO A 6 22.75 0.95 -23.13
CA PRO A 6 23.76 1.96 -23.49
C PRO A 6 24.78 1.49 -24.52
N LYS A 7 24.80 0.18 -24.79
CA LYS A 7 25.68 -0.34 -25.83
C LYS A 7 25.18 0.04 -27.21
N ASP A 8 23.87 -0.02 -27.43
CA ASP A 8 23.31 0.30 -28.73
C ASP A 8 23.47 1.78 -29.03
N ASP A 9 23.79 2.10 -30.30
CA ASP A 9 24.03 3.48 -30.68
C ASP A 9 22.76 4.31 -30.65
N GLU A 10 21.61 3.68 -30.86
CA GLU A 10 20.34 4.38 -30.83
C GLU A 10 19.84 4.67 -29.42
N PHE A 11 20.61 4.30 -28.40
CA PHE A 11 20.10 4.30 -27.03
C PHE A 11 19.76 5.71 -26.54
N TYR A 12 20.74 6.61 -26.57
CA TYR A 12 20.54 7.94 -26.00
C TYR A 12 19.43 8.70 -26.74
N GLN A 13 19.34 8.50 -28.06
CA GLN A 13 18.32 9.22 -28.82
C GLN A 13 16.94 8.60 -28.66
N GLN A 14 16.85 7.29 -28.46
CA GLN A 14 15.56 6.67 -28.17
C GLN A 14 15.09 7.02 -26.76
N TRP A 15 16.03 7.31 -25.85
CA TRP A 15 15.67 7.77 -24.52
C TRP A 15 14.98 9.13 -24.58
N GLN A 16 15.62 10.10 -25.22
CA GLN A 16 15.07 11.46 -25.24
C GLN A 16 13.82 11.56 -26.11
N LEU A 17 13.55 10.57 -26.94
CA LEU A 17 12.42 10.62 -27.88
C LEU A 17 11.17 9.92 -27.34
N LYS A 18 11.32 8.79 -26.65
CA LYS A 18 10.17 8.03 -26.18
C LYS A 18 10.12 7.86 -24.68
N TYR A 19 11.22 8.08 -23.95
CA TYR A 19 11.22 8.00 -22.49
C TYR A 19 11.86 9.25 -21.88
N PRO A 20 11.47 10.45 -22.33
CA PRO A 20 12.24 11.64 -21.94
C PRO A 20 12.06 12.03 -20.49
N LYS A 21 10.89 11.76 -19.90
CA LYS A 21 10.66 12.10 -18.50
C LYS A 21 11.39 11.17 -17.54
N LEU A 22 12.12 10.18 -18.05
CA LEU A 22 12.97 9.35 -17.21
C LEU A 22 14.31 10.04 -17.00
N ILE A 23 14.71 10.16 -15.74
CA ILE A 23 15.95 10.84 -15.36
C ILE A 23 16.81 9.87 -14.57
N LEU A 24 18.06 9.69 -15.00
CA LEU A 24 19.03 8.86 -14.31
C LEU A 24 20.12 9.74 -13.72
N ARG A 25 20.36 9.59 -12.42
CA ARG A 25 21.45 10.28 -11.73
C ARG A 25 22.40 9.22 -11.20
N GLU A 26 23.56 9.10 -11.84
CA GLU A 26 24.52 8.09 -11.46
C GLU A 26 25.03 8.33 -10.03
N ALA A 27 25.75 7.34 -9.50
CA ALA A 27 26.27 7.43 -8.14
C ALA A 27 27.20 8.61 -7.94
N SER A 28 27.66 9.25 -9.01
CA SER A 28 28.49 10.45 -8.89
C SER A 28 27.72 11.64 -8.31
N SER A 29 26.40 11.54 -8.21
CA SER A 29 25.59 12.61 -7.64
C SER A 29 25.32 12.42 -6.16
N VAL A 30 25.82 11.35 -5.55
CA VAL A 30 25.60 11.09 -4.13
C VAL A 30 26.91 11.30 -3.39
N SER A 31 26.79 11.75 -2.15
CA SER A 31 27.96 11.88 -1.28
C SER A 31 28.38 10.49 -0.80
N GLU A 32 29.69 10.24 -0.81
CA GLU A 32 30.19 8.95 -0.36
C GLU A 32 29.79 8.67 1.08
N GLU A 33 29.66 9.72 1.91
CA GLU A 33 29.14 9.54 3.25
C GLU A 33 27.67 9.17 3.22
N LEU A 34 26.89 9.81 2.35
CA LEU A 34 25.48 9.49 2.23
C LEU A 34 25.29 8.05 1.76
N HIS A 35 26.06 7.63 0.75
CA HIS A 35 25.94 6.28 0.23
C HIS A 35 26.33 5.25 1.27
N LYS A 36 27.35 5.55 2.08
CA LYS A 36 27.77 4.62 3.12
C LYS A 36 26.74 4.52 4.22
N GLU A 37 26.15 5.65 4.62
CA GLU A 37 25.14 5.62 5.67
C GLU A 37 23.86 4.92 5.21
N VAL A 38 23.49 5.12 3.95
CA VAL A 38 22.30 4.45 3.42
C VAL A 38 22.54 2.96 3.27
N GLN A 39 23.71 2.58 2.75
CA GLN A 39 24.03 1.16 2.61
C GLN A 39 24.16 0.49 3.97
N GLU A 40 24.61 1.23 4.98
CA GLU A 40 24.68 0.67 6.34
C GLU A 40 23.30 0.55 6.96
N ALA A 41 22.49 1.62 6.87
CA ALA A 41 21.10 1.53 7.28
C ALA A 41 20.37 0.46 6.49
N PHE A 42 20.71 0.33 5.22
CA PHE A 42 20.24 -0.79 4.41
C PHE A 42 20.63 -2.12 5.04
N LEU A 43 21.93 -2.36 5.22
CA LEU A 43 22.40 -3.64 5.75
C LEU A 43 21.92 -3.89 7.17
N THR A 44 21.66 -2.81 7.93
CA THR A 44 21.17 -2.97 9.29
C THR A 44 19.80 -3.65 9.31
N LEU A 45 18.89 -3.21 8.44
CA LEU A 45 17.55 -3.78 8.39
C LEU A 45 17.56 -5.23 7.91
N HIS A 46 18.62 -5.66 7.21
CA HIS A 46 18.69 -7.05 6.78
C HIS A 46 19.10 -7.97 7.93
N LYS A 47 19.99 -7.50 8.81
CA LYS A 47 20.41 -8.31 9.95
C LYS A 47 19.27 -8.47 10.96
N HIS A 48 18.59 -7.37 11.27
CA HIS A 48 17.47 -7.44 12.21
C HIS A 48 16.29 -8.19 11.65
N GLY A 49 16.18 -8.30 10.33
CA GLY A 49 15.05 -9.00 9.72
C GLY A 49 13.80 -8.16 9.62
N CYS A 50 13.93 -6.91 9.20
CA CYS A 50 12.79 -6.01 9.05
C CYS A 50 12.20 -6.01 7.66
N LEU A 51 12.68 -6.87 6.76
CA LEU A 51 12.23 -6.93 5.38
C LEU A 51 11.38 -8.19 5.22
N PHE A 52 10.10 -8.00 4.90
CA PHE A 52 9.15 -9.11 4.81
C PHE A 52 8.58 -9.21 3.40
N ARG A 53 8.23 -10.43 3.02
CA ARG A 53 7.57 -10.71 1.75
C ARG A 53 6.06 -10.66 1.97
N ASP A 54 5.41 -9.61 1.49
CA ASP A 54 4.00 -9.42 1.73
C ASP A 54 3.15 -10.46 1.02
N LEU A 55 2.03 -10.81 1.65
CA LEU A 55 1.07 -11.77 1.10
C LEU A 55 0.01 -10.99 0.33
N VAL A 56 0.28 -10.72 -0.94
CA VAL A 56 -0.59 -9.88 -1.76
C VAL A 56 -1.66 -10.72 -2.44
N ARG A 57 -2.48 -10.07 -3.25
CA ARG A 57 -3.54 -10.74 -3.99
C ARG A 57 -3.57 -10.18 -5.41
N ILE A 58 -3.58 -11.07 -6.40
CA ILE A 58 -3.59 -10.69 -7.81
C ILE A 58 -4.56 -11.61 -8.54
N GLN A 59 -5.62 -11.03 -9.09
CA GLN A 59 -6.62 -11.77 -9.87
C GLN A 59 -7.23 -12.91 -9.06
N GLY A 60 -7.54 -12.64 -7.79
CA GLY A 60 -8.16 -13.61 -6.92
C GLY A 60 -7.22 -14.59 -6.25
N LYS A 61 -5.98 -14.70 -6.74
CA LYS A 61 -5.02 -15.64 -6.19
C LYS A 61 -4.19 -14.97 -5.09
N ASP A 62 -3.84 -15.76 -4.08
CA ASP A 62 -2.98 -15.30 -2.99
C ASP A 62 -1.53 -15.62 -3.35
N LEU A 63 -0.69 -14.59 -3.37
CA LEU A 63 0.68 -14.71 -3.85
C LEU A 63 1.67 -14.25 -2.80
N LEU A 64 2.85 -14.89 -2.79
CA LEU A 64 3.98 -14.48 -1.97
C LEU A 64 4.93 -13.70 -2.86
N THR A 65 5.08 -12.41 -2.60
CA THR A 65 6.01 -11.61 -3.40
C THR A 65 7.44 -12.07 -3.14
N PRO A 66 8.21 -12.39 -4.19
CA PRO A 66 9.59 -12.84 -3.97
C PRO A 66 10.51 -11.74 -3.45
N VAL A 67 10.03 -10.52 -3.32
CA VAL A 67 10.82 -9.39 -2.86
C VAL A 67 10.41 -9.03 -1.44
N SER A 68 11.39 -8.99 -0.54
CA SER A 68 11.14 -8.58 0.84
C SER A 68 11.12 -7.06 0.94
N ARG A 69 10.13 -6.53 1.66
CA ARG A 69 9.89 -5.10 1.68
C ARG A 69 9.63 -4.60 3.09
N ILE A 70 9.64 -3.28 3.22
CA ILE A 70 9.25 -2.59 4.45
C ILE A 70 8.84 -1.18 4.08
N LEU A 71 7.74 -0.70 4.64
CA LEU A 71 7.24 0.65 4.37
C LEU A 71 7.69 1.57 5.49
N ILE A 72 8.55 2.53 5.15
CA ILE A 72 9.01 3.56 6.07
C ILE A 72 8.54 4.90 5.52
N GLY A 73 7.99 5.74 6.40
CA GLY A 73 7.52 7.04 5.97
C GLY A 73 6.96 7.90 7.09
N ASN A 74 6.01 8.76 6.74
CA ASN A 74 5.42 9.64 7.72
C ASN A 74 4.61 8.83 8.73
N PRO A 75 4.58 9.27 9.99
CA PRO A 75 3.79 8.55 11.00
C PRO A 75 2.30 8.59 10.68
N GLY A 76 1.63 7.48 10.91
CA GLY A 76 0.21 7.40 10.63
C GLY A 76 -0.12 7.47 9.17
N CYS A 77 0.76 6.97 8.30
CA CYS A 77 0.53 6.93 6.87
C CYS A 77 0.51 5.49 6.39
N THR A 78 -0.09 5.28 5.23
CA THR A 78 -0.20 3.95 4.64
C THR A 78 0.05 4.02 3.15
N TYR A 79 0.33 2.85 2.57
CA TYR A 79 0.53 2.74 1.12
C TYR A 79 -0.01 1.38 0.71
N LYS A 80 -1.09 1.38 -0.07
CA LYS A 80 -1.80 0.16 -0.44
C LYS A 80 -1.42 -0.24 -1.87
N TYR A 81 -0.87 -1.44 -2.01
CA TYR A 81 -0.58 -2.02 -3.32
C TYR A 81 -1.00 -3.48 -3.31
N LEU A 82 -1.65 -3.90 -4.40
CA LEU A 82 -2.06 -5.29 -4.58
C LEU A 82 -2.89 -5.79 -3.40
N ASN A 83 -3.93 -5.03 -3.07
CA ASN A 83 -4.88 -5.37 -2.00
C ASN A 83 -4.22 -5.58 -0.65
N THR A 84 -3.03 -5.01 -0.44
CA THR A 84 -2.31 -5.13 0.82
C THR A 84 -1.84 -3.75 1.24
N ARG A 85 -2.39 -3.25 2.35
CA ARG A 85 -2.07 -1.92 2.85
C ARG A 85 -0.90 -2.02 3.83
N LEU A 86 0.24 -1.47 3.44
CA LEU A 86 1.40 -1.44 4.32
C LEU A 86 1.30 -0.23 5.25
N PHE A 87 1.72 -0.41 6.50
CA PHE A 87 1.71 0.65 7.49
C PHE A 87 3.13 1.15 7.71
N THR A 88 3.26 2.46 7.93
CA THR A 88 4.56 3.10 7.95
C THR A 88 5.29 2.82 9.26
N VAL A 89 6.53 2.35 9.15
CA VAL A 89 7.48 2.44 10.26
C VAL A 89 7.95 3.89 10.27
N PRO A 90 7.59 4.67 11.28
CA PRO A 90 7.74 6.12 11.17
C PRO A 90 9.19 6.56 11.24
N TRP A 91 9.43 7.76 10.69
CA TRP A 91 10.71 8.45 10.74
C TRP A 91 10.53 9.80 11.42
N PRO A 92 11.62 10.39 11.96
CA PRO A 92 11.58 11.69 12.65
C PRO A 92 10.83 12.79 11.89
N GLU A 102 14.60 -0.93 18.15
CA GLU A 102 15.96 -0.69 18.59
C GLU A 102 16.47 0.66 18.07
N ALA A 103 17.57 1.14 18.67
CA ALA A 103 18.13 2.42 18.26
C ALA A 103 18.69 2.34 16.84
N GLU A 104 19.19 1.17 16.43
CA GLU A 104 19.66 1.01 15.06
C GLU A 104 18.50 1.08 14.07
N ILE A 105 17.30 0.64 14.48
CA ILE A 105 16.14 0.73 13.60
C ILE A 105 15.74 2.18 13.38
N ALA A 106 15.72 2.98 14.46
CA ALA A 106 15.35 4.38 14.33
C ALA A 106 16.41 5.18 13.60
N ALA A 107 17.69 4.83 13.76
CA ALA A 107 18.74 5.51 13.03
C ALA A 107 18.62 5.28 11.53
N ALA A 108 18.19 4.09 11.12
CA ALA A 108 17.98 3.82 9.71
C ALA A 108 16.81 4.65 9.16
N CYS A 109 15.71 4.71 9.92
CA CYS A 109 14.59 5.54 9.49
C CYS A 109 14.98 7.01 9.44
N GLU A 110 15.81 7.46 10.39
CA GLU A 110 16.35 8.81 10.29
C GLU A 110 17.28 8.95 9.09
N THR A 111 18.00 7.87 8.75
CA THR A 111 18.84 7.89 7.56
C THR A 111 18.01 8.03 6.30
N PHE A 112 16.97 7.20 6.16
CA PHE A 112 16.14 7.25 4.96
C PHE A 112 15.32 8.53 4.91
N LEU A 113 14.99 9.11 6.07
CA LEU A 113 14.39 10.44 6.07
C LEU A 113 15.34 11.46 5.47
N LYS A 114 16.63 11.37 5.80
CA LYS A 114 17.62 12.25 5.18
C LYS A 114 17.76 11.96 3.70
N LEU A 115 17.74 10.68 3.31
CA LEU A 115 17.74 10.34 1.90
C LEU A 115 16.50 10.89 1.21
N ASN A 116 15.37 10.91 1.91
CA ASN A 116 14.14 11.47 1.35
C ASN A 116 14.28 12.95 1.08
N ASP A 117 15.03 13.67 1.93
CA ASP A 117 15.19 15.11 1.74
C ASP A 117 16.01 15.43 0.50
N TYR A 118 17.09 14.68 0.27
CA TYR A 118 17.91 14.92 -0.91
C TYR A 118 17.13 14.61 -2.19
N LEU A 119 16.50 13.43 -2.25
CA LEU A 119 15.75 13.06 -3.44
C LEU A 119 14.61 14.04 -3.72
N GLN A 120 13.99 14.59 -2.67
CA GLN A 120 12.97 15.61 -2.87
C GLN A 120 13.58 16.88 -3.45
N ILE A 121 14.81 17.21 -3.06
CA ILE A 121 15.45 18.40 -3.59
C ILE A 121 15.94 18.14 -5.02
N GLU A 122 16.41 16.93 -5.30
CA GLU A 122 16.84 16.60 -6.65
C GLU A 122 15.66 16.49 -7.61
N THR A 123 14.50 16.04 -7.11
CA THR A 123 13.32 15.95 -7.96
C THR A 123 12.80 17.34 -8.33
N ILE A 124 12.76 18.27 -7.36
CA ILE A 124 12.31 19.63 -7.64
C ILE A 124 13.22 20.29 -8.65
N GLN A 125 14.53 20.04 -8.57
CA GLN A 125 15.46 20.61 -9.53
C GLN A 125 15.23 20.02 -10.92
N ALA A 126 15.08 18.70 -11.01
CA ALA A 126 14.84 18.07 -12.30
C ALA A 126 13.47 18.41 -12.86
N LEU A 127 12.47 18.57 -11.99
CA LEU A 127 11.14 18.96 -12.47
C LEU A 127 11.12 20.39 -12.96
N GLU A 128 11.91 21.28 -12.33
CA GLU A 128 12.01 22.64 -12.84
C GLU A 128 12.78 22.70 -14.15
N GLU A 129 13.74 21.80 -14.35
CA GLU A 129 14.45 21.74 -15.62
C GLU A 129 13.52 21.26 -16.73
N LEU A 130 12.61 20.35 -16.42
CA LEU A 130 11.66 19.85 -17.41
C LEU A 130 10.64 20.91 -17.80
N ALA A 131 10.41 21.91 -16.94
CA ALA A 131 9.49 22.99 -17.30
C ALA A 131 10.13 23.94 -18.30
N ALA A 132 11.44 24.17 -18.19
CA ALA A 132 12.12 25.06 -19.13
C ALA A 132 12.21 24.43 -20.51
N LYS A 133 12.55 23.15 -20.58
CA LYS A 133 12.62 22.48 -21.88
C LYS A 133 11.24 22.36 -22.52
N GLU A 134 10.18 22.31 -21.70
CA GLU A 134 8.83 22.25 -22.25
C GLU A 134 8.37 23.62 -22.71
N LYS A 135 8.76 24.68 -22.00
CA LYS A 135 8.34 26.03 -22.36
C LYS A 135 9.04 26.53 -23.63
N ALA A 136 10.17 25.93 -24.00
CA ALA A 136 10.88 26.34 -25.20
C ALA A 136 10.83 25.25 -26.27
N GLN A 161 1.99 29.86 -9.09
CA GLN A 161 1.12 29.20 -10.05
C GLN A 161 1.37 27.70 -10.08
N ASP A 162 2.15 27.25 -11.06
CA ASP A 162 2.48 25.84 -11.20
C ASP A 162 3.55 25.38 -10.22
N GLU A 163 4.23 26.31 -9.54
CA GLU A 163 5.25 25.94 -8.57
C GLU A 163 4.66 25.27 -7.33
N VAL A 164 3.36 25.41 -7.10
CA VAL A 164 2.72 24.71 -5.99
C VAL A 164 2.53 23.23 -6.33
N ASP A 165 2.23 22.93 -7.59
CA ASP A 165 2.10 21.55 -8.00
C ASP A 165 3.45 20.84 -8.07
N ILE A 166 4.50 21.58 -8.43
CA ILE A 166 5.84 20.98 -8.53
C ILE A 166 6.31 20.53 -7.15
N LYS A 167 6.19 21.39 -6.14
CA LYS A 167 6.59 21.02 -4.79
C LYS A 167 5.69 19.94 -4.23
N SER A 168 4.42 19.89 -4.64
CA SER A 168 3.53 18.86 -4.15
C SER A 168 3.81 17.52 -4.80
N ARG A 169 4.18 17.52 -6.08
CA ARG A 169 4.47 16.27 -6.79
C ARG A 169 5.79 15.65 -6.37
N ALA A 170 6.61 16.37 -5.60
CA ALA A 170 7.88 15.84 -5.12
C ALA A 170 7.89 15.63 -3.61
N ALA A 171 6.79 15.93 -2.92
CA ALA A 171 6.71 15.79 -1.47
C ALA A 171 6.52 14.31 -1.12
N TYR A 172 7.62 13.56 -1.19
CA TYR A 172 7.57 12.14 -0.86
C TYR A 172 7.23 11.95 0.61
N ASN A 173 6.18 11.17 0.87
CA ASN A 173 5.74 10.91 2.24
C ASN A 173 6.20 9.57 2.78
N VAL A 174 6.43 8.59 1.91
CA VAL A 174 6.88 7.25 2.32
C VAL A 174 7.97 6.79 1.37
N THR A 175 8.64 5.71 1.76
CA THR A 175 9.59 5.02 0.90
C THR A 175 9.42 3.52 1.09
N LEU A 176 9.49 2.77 0.00
CA LEU A 176 9.33 1.32 0.02
C LEU A 176 10.68 0.68 -0.27
N LEU A 177 11.28 0.08 0.74
CA LEU A 177 12.53 -0.64 0.56
C LEU A 177 12.25 -2.04 0.03
N ASN A 178 13.19 -2.57 -0.75
CA ASN A 178 13.01 -3.87 -1.41
C ASN A 178 14.30 -4.67 -1.34
N PHE A 179 14.15 -5.97 -1.14
CA PHE A 179 15.26 -6.92 -1.12
C PHE A 179 15.00 -8.04 -2.13
N MET A 180 16.05 -8.44 -2.84
CA MET A 180 15.97 -9.58 -3.73
C MET A 180 17.34 -10.23 -3.81
N ASP A 181 17.50 -11.39 -3.18
CA ASP A 181 18.69 -12.21 -3.35
C ASP A 181 18.38 -13.29 -4.36
N PRO A 182 19.00 -13.28 -5.54
CA PRO A 182 18.68 -14.30 -6.55
C PRO A 182 18.95 -15.72 -6.09
N GLN A 183 19.70 -15.93 -5.01
CA GLN A 183 19.95 -17.25 -4.48
C GLN A 183 18.76 -17.77 -3.68
N LEU A 188 13.05 -18.28 -12.40
CA LEU A 188 12.66 -16.88 -12.53
C LEU A 188 12.05 -16.62 -13.89
N LYS A 189 10.95 -15.88 -13.93
CA LYS A 189 10.25 -15.60 -15.17
C LYS A 189 11.09 -14.72 -16.07
N GLU A 190 11.18 -15.09 -17.34
CA GLU A 190 11.92 -14.30 -18.32
C GLU A 190 11.04 -13.16 -18.83
N GLU A 191 11.70 -12.06 -19.22
CA GLU A 191 11.00 -10.93 -19.79
C GLU A 191 10.34 -11.33 -21.10
N PRO A 192 9.01 -11.20 -21.23
CA PRO A 192 8.33 -11.83 -22.36
C PRO A 192 8.03 -10.90 -23.53
N TYR A 193 8.68 -9.75 -23.61
CA TYR A 193 8.36 -8.84 -24.69
C TYR A 193 9.57 -8.34 -25.48
N PHE A 194 10.66 -8.02 -24.79
CA PHE A 194 11.83 -7.43 -25.44
C PHE A 194 13.10 -8.25 -25.25
N GLY A 195 12.98 -9.48 -24.75
CA GLY A 195 14.15 -10.32 -24.56
C GLY A 195 15.10 -9.85 -23.49
N MET A 196 14.58 -9.19 -22.45
CA MET A 196 15.43 -8.70 -21.37
C MET A 196 15.81 -9.79 -20.38
N GLY A 197 15.17 -10.96 -20.43
CA GLY A 197 15.60 -12.08 -19.62
C GLY A 197 15.09 -12.08 -18.21
N LYS A 198 15.97 -12.43 -17.26
CA LYS A 198 15.56 -12.66 -15.88
C LYS A 198 14.94 -11.41 -15.27
N MET A 199 13.78 -11.58 -14.64
CA MET A 199 13.03 -10.48 -14.03
C MET A 199 12.82 -10.77 -12.56
N ALA A 200 13.08 -9.77 -11.72
CA ALA A 200 12.74 -9.85 -10.30
C ALA A 200 11.34 -9.34 -10.04
N VAL A 201 10.97 -8.21 -10.64
CA VAL A 201 9.63 -7.65 -10.60
C VAL A 201 9.15 -7.49 -12.04
N SER A 202 7.97 -8.02 -12.33
CA SER A 202 7.44 -7.97 -13.68
C SER A 202 6.91 -6.56 -13.99
N TRP A 203 6.40 -6.39 -15.21
CA TRP A 203 5.92 -5.09 -15.65
C TRP A 203 4.73 -4.63 -14.80
N HIS A 204 4.74 -3.36 -14.42
CA HIS A 204 3.70 -2.82 -13.56
C HIS A 204 3.83 -1.30 -13.52
N HIS A 205 2.74 -0.65 -13.12
CA HIS A 205 2.76 0.73 -12.68
C HIS A 205 2.76 0.75 -11.15
N ASP A 206 3.38 1.77 -10.58
CA ASP A 206 3.37 1.96 -9.14
C ASP A 206 2.01 2.48 -8.72
N GLU A 207 1.24 1.67 -8.00
CA GLU A 207 -0.10 2.01 -7.59
C GLU A 207 -0.08 3.03 -6.45
N ASN A 208 -1.26 3.57 -6.14
CA ASN A 208 -1.49 4.44 -4.99
C ASN A 208 -0.52 5.62 -5.01
N LEU A 209 -0.58 6.38 -6.11
CA LEU A 209 0.26 7.56 -6.26
C LEU A 209 -0.60 8.75 -6.67
N VAL A 210 -0.28 9.91 -6.11
CA VAL A 210 -0.98 11.13 -6.49
C VAL A 210 -0.73 11.41 -7.97
N ASP A 211 -1.71 12.07 -8.61
CA ASP A 211 -1.65 12.30 -10.04
C ASP A 211 -0.37 13.04 -10.42
N ARG A 212 0.36 12.49 -11.40
CA ARG A 212 1.57 13.08 -11.95
C ARG A 212 2.67 13.27 -10.90
N SER A 213 2.59 12.53 -9.80
CA SER A 213 3.64 12.60 -8.79
C SER A 213 4.86 11.80 -9.24
N ALA A 214 6.04 12.30 -8.87
CA ALA A 214 7.28 11.67 -9.26
C ALA A 214 7.63 10.52 -8.32
N VAL A 215 8.61 9.72 -8.74
CA VAL A 215 9.14 8.62 -7.95
C VAL A 215 10.65 8.64 -8.03
N ALA A 216 11.32 8.51 -6.89
CA ALA A 216 12.77 8.47 -6.81
C ALA A 216 13.21 7.14 -6.21
N VAL A 217 14.23 6.52 -6.82
CA VAL A 217 14.70 5.21 -6.41
C VAL A 217 16.22 5.26 -6.23
N TYR A 218 16.69 4.78 -5.08
CA TYR A 218 18.12 4.59 -4.83
C TYR A 218 18.41 3.10 -4.98
N SER A 219 19.17 2.74 -6.01
CA SER A 219 19.55 1.36 -6.26
C SER A 219 20.88 1.05 -5.60
N TYR A 220 21.00 -0.16 -5.06
CA TYR A 220 22.21 -0.57 -4.36
C TYR A 220 22.41 -2.07 -4.56
N SER A 221 23.45 -2.43 -5.30
CA SER A 221 23.81 -3.82 -5.52
C SER A 221 25.24 -4.06 -5.04
N CYS A 222 25.58 -5.33 -4.86
CA CYS A 222 26.91 -5.70 -4.40
C CYS A 222 27.88 -5.84 -5.58
N LEU A 235 28.26 -10.14 -25.47
CA LEU A 235 27.80 -8.76 -25.62
C LEU A 235 26.72 -8.67 -26.67
N GLU A 236 25.79 -9.63 -26.67
CA GLU A 236 24.69 -9.65 -27.64
C GLU A 236 23.37 -9.37 -26.94
N GLY A 237 23.33 -8.34 -26.11
CA GLY A 237 22.12 -7.98 -25.39
C GLY A 237 22.42 -7.20 -24.13
N ARG A 238 21.83 -7.62 -23.01
CA ARG A 238 22.06 -6.98 -21.73
C ARG A 238 22.83 -7.91 -20.80
N ASP A 239 23.57 -7.31 -19.88
CA ASP A 239 24.39 -8.06 -18.93
C ASP A 239 23.51 -8.68 -17.85
N PRO A 240 23.41 -10.02 -17.79
CA PRO A 240 22.53 -10.64 -16.79
C PRO A 240 23.03 -10.52 -15.37
N ASP A 241 24.32 -10.24 -15.17
CA ASP A 241 24.86 -10.13 -13.81
C ASP A 241 24.65 -8.74 -13.21
N ILE A 242 24.40 -7.73 -14.03
CA ILE A 242 24.18 -6.37 -13.57
C ILE A 242 22.68 -6.13 -13.47
N TRP A 243 22.27 -5.39 -12.45
CA TRP A 243 20.86 -5.08 -12.25
C TRP A 243 20.44 -3.91 -13.14
N HIS A 244 19.33 -4.09 -13.85
CA HIS A 244 18.76 -3.08 -14.71
C HIS A 244 17.35 -2.74 -14.24
N VAL A 245 16.82 -1.62 -14.75
CA VAL A 245 15.42 -1.28 -14.62
C VAL A 245 14.85 -1.16 -16.03
N GLY A 246 13.84 -1.98 -16.33
CA GLY A 246 13.23 -1.98 -17.65
C GLY A 246 12.16 -0.92 -17.78
N PHE A 247 11.94 -0.47 -19.01
CA PHE A 247 10.94 0.55 -19.27
C PHE A 247 10.32 0.32 -20.64
N LYS A 248 9.01 0.54 -20.72
CA LYS A 248 8.27 0.34 -21.95
C LYS A 248 7.06 1.27 -21.94
N ILE A 249 6.50 1.51 -23.11
CA ILE A 249 5.29 2.30 -23.24
C ILE A 249 4.09 1.37 -23.11
N SER A 250 3.08 1.82 -22.38
CA SER A 250 1.89 1.01 -22.11
C SER A 250 1.23 0.58 -23.43
N TRP A 251 0.61 -0.60 -23.40
CA TRP A 251 -0.12 -1.16 -24.53
C TRP A 251 0.78 -1.44 -25.73
N ASP A 252 2.07 -1.15 -25.62
CA ASP A 252 2.97 -1.13 -26.76
C ASP A 252 4.20 -1.98 -26.47
N ILE A 253 4.39 -3.03 -27.27
CA ILE A 253 5.61 -3.82 -27.29
C ILE A 253 6.37 -3.68 -28.59
N GLU A 254 5.88 -2.84 -29.52
CA GLU A 254 6.59 -2.61 -30.77
C GLU A 254 7.72 -1.60 -30.59
N THR A 255 7.47 -0.53 -29.86
CA THR A 255 8.53 0.41 -29.52
C THR A 255 9.56 -0.31 -28.65
N PRO A 256 10.83 -0.36 -29.06
CA PRO A 256 11.83 -1.09 -28.27
C PRO A 256 11.98 -0.50 -26.87
N GLY A 257 11.98 -1.38 -25.87
CA GLY A 257 12.09 -0.95 -24.49
C GLY A 257 13.50 -0.61 -24.08
N LEU A 258 13.62 0.00 -22.91
CA LEU A 258 14.89 0.45 -22.37
C LEU A 258 15.31 -0.42 -21.19
N ALA A 259 16.60 -0.67 -21.08
CA ALA A 259 17.18 -1.41 -19.95
C ALA A 259 18.31 -0.55 -19.38
N ILE A 260 18.02 0.16 -18.29
CA ILE A 260 18.96 1.11 -17.69
C ILE A 260 19.81 0.35 -16.68
N PRO A 261 21.10 0.16 -16.94
CA PRO A 261 21.95 -0.57 -15.98
C PRO A 261 22.12 0.22 -14.69
N LEU A 262 22.01 -0.47 -13.57
CA LEU A 262 22.10 0.14 -12.25
C LEU A 262 23.28 -0.46 -11.49
N HIS A 263 24.16 0.40 -10.99
CA HIS A 263 25.27 0.01 -10.17
C HIS A 263 25.00 0.40 -8.72
N GLN A 264 26.02 0.31 -7.88
CA GLN A 264 25.88 0.71 -6.49
C GLN A 264 25.75 2.22 -6.38
N GLY A 265 24.67 2.68 -5.74
CA GLY A 265 24.45 4.09 -5.54
C GLY A 265 23.77 4.81 -6.68
N ASP A 266 23.35 4.10 -7.72
CA ASP A 266 22.68 4.74 -8.85
C ASP A 266 21.25 5.14 -8.46
N CYS A 267 20.76 6.18 -9.12
CA CYS A 267 19.43 6.72 -8.83
C CYS A 267 18.73 7.07 -10.13
N TYR A 268 17.48 6.66 -10.26
CA TYR A 268 16.65 7.04 -11.40
C TYR A 268 15.34 7.63 -10.89
N PHE A 269 14.74 8.48 -11.71
CA PHE A 269 13.57 9.27 -11.33
C PHE A 269 12.52 9.17 -12.42
N MET A 270 11.33 8.70 -12.08
CA MET A 270 10.18 8.75 -12.95
C MET A 270 9.42 10.05 -12.70
N LEU A 271 9.39 10.93 -13.70
CA LEU A 271 8.88 12.28 -13.54
C LEU A 271 7.53 12.44 -14.23
N ASP A 272 6.66 13.25 -13.61
CA ASP A 272 5.38 13.69 -14.18
C ASP A 272 4.53 12.45 -14.47
N ASP A 273 3.99 12.29 -15.67
CA ASP A 273 3.05 11.22 -15.99
C ASP A 273 3.74 9.97 -16.50
N LEU A 274 5.07 9.84 -16.33
CA LEU A 274 5.76 8.68 -16.87
C LEU A 274 5.28 7.39 -16.24
N ASN A 275 4.94 7.42 -14.95
CA ASN A 275 4.38 6.23 -14.31
C ASN A 275 3.05 5.83 -14.95
N ALA A 276 2.25 6.82 -15.38
CA ALA A 276 0.97 6.52 -16.00
C ALA A 276 1.13 6.10 -17.46
N THR A 277 2.05 6.75 -18.18
CA THR A 277 2.25 6.46 -19.59
C THR A 277 3.14 5.25 -19.84
N HIS A 278 3.99 4.90 -18.88
CA HIS A 278 4.98 3.84 -19.07
C HIS A 278 4.88 2.80 -17.96
N GLN A 279 5.19 1.56 -18.33
CA GLN A 279 5.35 0.49 -17.36
C GLN A 279 6.84 0.24 -17.14
N HIS A 280 7.17 -0.23 -15.94
CA HIS A 280 8.56 -0.51 -15.60
C HIS A 280 8.66 -1.84 -14.87
N CYS A 281 9.83 -2.47 -15.01
CA CYS A 281 10.11 -3.74 -14.36
C CYS A 281 11.52 -3.67 -13.78
N VAL A 282 11.95 -4.76 -13.14
CA VAL A 282 13.26 -4.85 -12.51
C VAL A 282 13.93 -6.11 -13.03
N LEU A 283 15.03 -5.94 -13.77
CA LEU A 283 15.72 -7.05 -14.42
C LEU A 283 16.77 -7.62 -13.47
N ALA A 284 16.66 -8.92 -13.20
CA ALA A 284 17.47 -9.55 -12.17
C ALA A 284 18.96 -9.54 -12.54
N GLY A 285 19.79 -9.42 -11.51
CA GLY A 285 21.23 -9.50 -11.69
C GLY A 285 21.80 -10.80 -11.13
N SER A 286 22.86 -10.71 -10.33
CA SER A 286 23.44 -11.88 -9.69
C SER A 286 23.65 -11.63 -8.21
N GLN A 287 24.24 -10.50 -7.86
CA GLN A 287 24.42 -10.15 -6.46
C GLN A 287 23.12 -9.62 -5.88
N PRO A 288 22.87 -9.89 -4.60
CA PRO A 288 21.66 -9.34 -3.96
C PRO A 288 21.65 -7.81 -4.02
N ARG A 289 20.46 -7.25 -4.18
CA ARG A 289 20.31 -5.82 -4.45
C ARG A 289 19.25 -5.24 -3.52
N PHE A 290 19.53 -4.05 -3.00
CA PHE A 290 18.54 -3.27 -2.27
C PHE A 290 17.98 -2.17 -3.17
N SER A 291 16.91 -1.54 -2.71
CA SER A 291 16.35 -0.39 -3.42
C SER A 291 15.52 0.42 -2.43
N SER A 292 15.40 1.72 -2.71
CA SER A 292 14.64 2.63 -1.86
C SER A 292 13.80 3.52 -2.76
N THR A 293 12.53 3.17 -2.92
CA THR A 293 11.61 3.86 -3.82
C THR A 293 10.77 4.85 -3.02
N HIS A 294 11.07 6.14 -3.17
CA HIS A 294 10.35 7.19 -2.46
C HIS A 294 9.18 7.65 -3.32
N ARG A 295 7.98 7.64 -2.73
CA ARG A 295 6.76 7.92 -3.46
C ARG A 295 5.95 8.97 -2.73
N VAL A 296 5.05 9.61 -3.48
CA VAL A 296 4.04 10.50 -2.92
C VAL A 296 2.75 9.70 -2.89
N ALA A 297 2.54 8.98 -1.79
CA ALA A 297 1.41 8.07 -1.69
C ALA A 297 0.11 8.85 -1.56
N GLU A 298 -0.83 8.55 -2.46
CA GLU A 298 -2.19 9.09 -2.35
C GLU A 298 -2.83 8.49 -1.10
N CYS A 299 -2.93 9.29 -0.05
CA CYS A 299 -3.46 8.85 1.23
C CYS A 299 -4.55 9.78 1.71
N SER A 300 -5.35 10.29 0.77
CA SER A 300 -6.49 11.12 1.15
C SER A 300 -7.47 10.34 2.01
N THR A 301 -7.49 9.02 1.87
CA THR A 301 -8.29 8.14 2.71
C THR A 301 -7.44 7.04 3.32
N GLY A 302 -6.15 7.29 3.48
CA GLY A 302 -5.25 6.27 3.99
C GLY A 302 -4.29 6.74 5.06
N THR A 303 -4.77 7.57 5.99
CA THR A 303 -3.97 7.99 7.14
C THR A 303 -4.75 7.69 8.41
N LEU A 304 -4.02 7.60 9.53
CA LEU A 304 -4.66 7.36 10.81
C LEU A 304 -5.63 8.48 11.15
N ASP A 305 -5.22 9.73 10.93
CA ASP A 305 -6.09 10.86 11.23
C ASP A 305 -7.37 10.82 10.40
N TYR A 306 -7.30 10.32 9.16
CA TYR A 306 -8.49 10.22 8.34
C TYR A 306 -9.47 9.20 8.91
N ILE A 307 -9.00 7.97 9.13
CA ILE A 307 -9.88 6.92 9.60
C ILE A 307 -10.37 7.18 11.02
N LEU A 308 -9.62 7.96 11.80
CA LEU A 308 -10.11 8.37 13.11
C LEU A 308 -11.26 9.37 12.97
N GLN A 309 -11.14 10.29 12.01
CA GLN A 309 -12.22 11.23 11.74
C GLN A 309 -13.46 10.51 11.23
N ARG A 310 -13.27 9.51 10.37
CA ARG A 310 -14.40 8.73 9.88
C ARG A 310 -15.11 8.02 11.02
N CYS A 311 -14.35 7.53 12.00
CA CYS A 311 -14.97 6.86 13.14
C CYS A 311 -15.78 7.83 13.98
N GLN A 312 -15.27 9.04 14.19
CA GLN A 312 -16.01 10.03 14.96
C GLN A 312 -17.28 10.44 14.25
N LEU A 313 -17.25 10.54 12.92
CA LEU A 313 -18.44 10.90 12.16
C LEU A 313 -19.53 9.84 12.29
N ALA A 314 -19.14 8.56 12.29
CA ALA A 314 -20.13 7.50 12.43
C ALA A 314 -20.68 7.42 13.84
N LEU A 315 -19.88 7.80 14.84
CA LEU A 315 -20.32 7.78 16.23
C LEU A 315 -21.02 9.07 16.64
N GLN A 316 -21.15 10.04 15.74
CA GLN A 316 -22.00 11.20 16.02
C GLN A 316 -23.46 10.80 16.13
N ASN A 317 -23.83 9.63 15.64
CA ASN A 317 -25.18 9.10 15.72
C ASN A 317 -25.42 8.32 17.00
N VAL A 318 -24.47 8.31 17.92
CA VAL A 318 -24.56 7.55 19.17
C VAL A 318 -24.46 8.51 20.34
N CYS A 319 -25.30 8.28 21.35
CA CYS A 319 -25.22 9.04 22.60
C CYS A 319 -23.95 8.65 23.35
N ASP A 320 -22.97 9.54 23.34
CA ASP A 320 -21.64 9.24 23.86
C ASP A 320 -21.48 9.63 25.33
N ASP A 321 -22.48 9.37 26.18
CA ASP A 321 -22.35 9.71 27.58
C ASP A 321 -21.46 8.72 28.32
N VAL A 322 -21.62 7.43 28.06
CA VAL A 322 -20.86 6.39 28.76
C VAL A 322 -20.69 5.20 27.82
N ASP A 323 -19.49 4.63 27.83
CA ASP A 323 -19.19 3.44 27.03
C ASP A 323 -19.74 2.22 27.74
N ASN A 324 -20.79 1.62 27.16
CA ASN A 324 -21.34 0.36 27.65
C ASN A 324 -22.05 -0.33 26.49
N ASP A 325 -22.62 -1.50 26.78
CA ASP A 325 -23.31 -2.28 25.77
C ASP A 325 -24.65 -1.66 25.35
N ASP A 326 -25.13 -0.66 26.07
CA ASP A 326 -26.40 -0.01 25.75
C ASP A 326 -26.14 1.10 24.75
N VAL A 327 -26.13 0.72 23.47
CA VAL A 327 -25.92 1.67 22.38
C VAL A 327 -27.28 2.24 21.97
N SER A 328 -27.45 3.56 22.14
CA SER A 328 -28.67 4.25 21.77
C SER A 328 -28.36 5.23 20.66
N LEU A 329 -28.99 5.04 19.51
CA LEU A 329 -28.74 5.88 18.34
C LEU A 329 -29.59 7.13 18.39
N LYS A 330 -28.97 8.27 18.04
CA LYS A 330 -29.70 9.54 18.04
C LYS A 330 -30.73 9.57 16.91
N SER A 331 -30.36 9.08 15.73
CA SER A 331 -31.22 9.14 14.57
C SER A 331 -31.27 7.77 13.89
N PHE A 332 -32.36 7.56 13.13
CA PHE A 332 -32.52 6.37 12.30
C PHE A 332 -32.77 6.74 10.84
N GLU A 333 -32.35 7.93 10.42
CA GLU A 333 -32.50 8.33 9.03
C GLU A 333 -31.71 7.39 8.14
N PRO A 334 -32.20 7.06 6.94
CA PRO A 334 -31.46 6.12 6.07
C PRO A 334 -30.06 6.59 5.74
N ALA A 335 -29.86 7.89 5.55
CA ALA A 335 -28.54 8.39 5.13
C ALA A 335 -27.50 8.18 6.23
N VAL A 336 -27.84 8.53 7.47
CA VAL A 336 -26.86 8.38 8.55
C VAL A 336 -26.65 6.92 8.90
N LEU A 337 -27.67 6.08 8.68
CA LEU A 337 -27.50 4.64 8.89
C LEU A 337 -26.68 4.02 7.77
N LYS A 338 -26.89 4.47 6.53
CA LYS A 338 -26.02 4.06 5.44
C LYS A 338 -24.58 4.46 5.69
N GLN A 339 -24.37 5.69 6.17
CA GLN A 339 -23.02 6.18 6.41
C GLN A 339 -22.37 5.43 7.57
N GLY A 340 -23.12 5.19 8.65
CA GLY A 340 -22.54 4.56 9.82
C GLY A 340 -22.05 3.14 9.55
N GLU A 341 -22.76 2.42 8.70
CA GLU A 341 -22.37 1.05 8.36
C GLU A 341 -21.36 0.98 7.23
N GLU A 342 -21.25 2.03 6.42
CA GLU A 342 -20.18 2.08 5.42
C GLU A 342 -18.84 2.33 6.08
N ILE A 343 -18.79 3.24 7.05
CA ILE A 343 -17.59 3.43 7.85
C ILE A 343 -17.29 2.19 8.68
N HIS A 344 -18.34 1.45 9.07
CA HIS A 344 -18.15 0.18 9.78
C HIS A 344 -17.32 -0.78 8.95
N ASN A 345 -17.63 -0.91 7.66
CA ASN A 345 -16.85 -1.80 6.80
C ASN A 345 -15.46 -1.23 6.55
N GLU A 346 -15.36 0.09 6.37
CA GLU A 346 -14.08 0.69 6.01
C GLU A 346 -13.05 0.56 7.12
N VAL A 347 -13.46 0.78 8.38
CA VAL A 347 -12.52 0.68 9.48
C VAL A 347 -12.15 -0.76 9.79
N GLU A 348 -12.99 -1.73 9.41
CA GLU A 348 -12.69 -3.12 9.70
C GLU A 348 -11.80 -3.76 8.63
N PHE A 349 -12.14 -3.57 7.36
CA PHE A 349 -11.45 -4.26 6.29
C PHE A 349 -10.24 -3.50 5.77
N GLU A 350 -10.31 -2.18 5.71
CA GLU A 350 -9.18 -1.40 5.22
C GLU A 350 -8.13 -1.13 6.29
N TRP A 351 -8.41 -1.42 7.55
CA TRP A 351 -7.48 -1.10 8.63
C TRP A 351 -7.31 -2.26 9.60
N LEU A 352 -8.41 -2.72 10.20
CA LEU A 352 -8.32 -3.78 11.21
C LEU A 352 -7.86 -5.09 10.58
N ARG A 353 -8.66 -5.63 9.66
CA ARG A 353 -8.30 -6.90 9.03
C ARG A 353 -7.03 -6.77 8.21
N GLN A 354 -6.73 -5.57 7.70
CA GLN A 354 -5.51 -5.37 6.94
C GLN A 354 -4.28 -5.42 7.86
N PHE A 355 -4.38 -4.83 9.04
CA PHE A 355 -3.24 -4.78 9.95
C PHE A 355 -2.91 -6.16 10.49
N TRP A 356 -3.92 -6.89 10.98
CA TRP A 356 -3.68 -8.19 11.59
C TRP A 356 -3.46 -9.28 10.56
N PHE A 357 -3.81 -9.06 9.30
CA PHE A 357 -3.41 -9.99 8.25
C PHE A 357 -1.90 -10.02 8.11
N GLN A 358 -1.24 -8.88 8.31
CA GLN A 358 0.21 -8.86 8.35
C GLN A 358 0.75 -9.42 9.66
N GLY A 359 -0.11 -9.78 10.61
CA GLY A 359 0.36 -10.35 11.85
C GLY A 359 1.30 -9.48 12.65
N ASN A 360 1.27 -8.17 12.41
CA ASN A 360 2.14 -7.21 13.09
C ASN A 360 3.61 -7.55 12.91
N ARG A 361 4.01 -7.74 11.64
CA ARG A 361 5.44 -7.88 11.35
C ARG A 361 6.20 -6.62 11.73
N TYR A 362 5.59 -5.45 11.50
CA TYR A 362 6.23 -4.19 11.85
C TYR A 362 6.44 -4.04 13.36
N ARG A 363 5.81 -4.87 14.18
CA ARG A 363 6.09 -4.84 15.61
C ARG A 363 7.54 -5.22 15.90
N LYS A 364 8.16 -5.99 14.98
CA LYS A 364 9.58 -6.25 15.07
C LYS A 364 10.42 -5.00 14.84
N CYS A 365 9.83 -3.92 14.34
CA CYS A 365 10.51 -2.65 14.13
C CYS A 365 10.02 -1.54 15.05
N THR A 366 8.72 -1.41 15.24
CA THR A 366 8.17 -0.34 16.06
C THR A 366 6.83 -0.76 16.63
N ASP A 367 6.44 -0.10 17.73
CA ASP A 367 5.14 -0.30 18.36
C ASP A 367 4.23 0.91 18.16
N TRP A 368 4.40 1.62 17.04
CA TRP A 368 3.66 2.86 16.82
C TRP A 368 2.17 2.60 16.62
N TRP A 369 1.82 1.49 15.97
CA TRP A 369 0.44 1.20 15.63
C TRP A 369 -0.28 0.36 16.67
N CYS A 370 0.39 -0.03 17.75
CA CYS A 370 -0.24 -0.87 18.77
C CYS A 370 -1.40 -0.14 19.44
N GLN A 371 -1.17 1.11 19.87
CA GLN A 371 -2.24 1.87 20.50
C GLN A 371 -3.34 2.24 19.51
N PRO A 372 -3.06 2.78 18.31
CA PRO A 372 -4.16 3.13 17.40
C PRO A 372 -4.99 1.93 16.96
N MET A 373 -4.35 0.78 16.71
CA MET A 373 -5.09 -0.38 16.26
C MET A 373 -6.08 -0.85 17.32
N ALA A 374 -5.68 -0.81 18.59
CA ALA A 374 -6.61 -1.11 19.67
C ALA A 374 -7.69 -0.05 19.77
N GLN A 375 -7.34 1.21 19.51
CA GLN A 375 -8.34 2.27 19.51
C GLN A 375 -9.34 2.07 18.37
N LEU A 376 -8.84 1.70 17.19
CA LEU A 376 -9.75 1.36 16.09
C LEU A 376 -10.55 0.10 16.42
N GLU A 377 -9.93 -0.85 17.12
CA GLU A 377 -10.65 -2.04 17.56
C GLU A 377 -11.77 -1.68 18.52
N ALA A 378 -11.51 -0.75 19.44
CA ALA A 378 -12.54 -0.31 20.37
C ALA A 378 -13.63 0.49 19.66
N LEU A 379 -13.24 1.38 18.75
CA LEU A 379 -14.20 2.15 17.98
C LEU A 379 -15.03 1.24 17.09
N TRP A 380 -14.42 0.18 16.55
CA TRP A 380 -15.15 -0.77 15.72
C TRP A 380 -16.10 -1.61 16.57
N LYS A 381 -15.71 -1.94 17.80
CA LYS A 381 -16.59 -2.69 18.68
C LYS A 381 -17.87 -1.91 18.97
N LYS A 382 -17.75 -0.60 19.17
CA LYS A 382 -18.93 0.23 19.38
C LYS A 382 -19.82 0.23 18.14
N MET A 383 -19.21 0.20 16.95
CA MET A 383 -19.99 0.16 15.72
C MET A 383 -20.75 -1.15 15.58
N GLU A 384 -20.19 -2.25 16.09
CA GLU A 384 -20.93 -3.51 16.12
C GLU A 384 -22.17 -3.39 17.01
N GLY A 385 -22.05 -2.64 18.11
CA GLY A 385 -23.23 -2.35 18.90
C GLY A 385 -24.19 -1.41 18.20
N VAL A 386 -23.67 -0.54 17.34
CA VAL A 386 -24.53 0.32 16.53
C VAL A 386 -25.33 -0.52 15.53
N THR A 387 -24.67 -1.47 14.87
CA THR A 387 -25.38 -2.35 13.95
C THR A 387 -26.48 -3.12 14.66
N ASN A 388 -26.18 -3.65 15.85
CA ASN A 388 -27.20 -4.35 16.63
C ASN A 388 -28.34 -3.41 16.99
N ALA A 389 -28.03 -2.16 17.31
CA ALA A 389 -29.07 -1.18 17.61
C ALA A 389 -29.98 -0.96 16.40
N VAL A 390 -29.40 -0.99 15.19
CA VAL A 390 -30.21 -0.91 14.00
C VAL A 390 -31.04 -2.18 13.81
N LEU A 391 -30.42 -3.33 14.08
CA LEU A 391 -31.14 -4.60 13.95
C LEU A 391 -32.21 -4.74 15.02
N HIS A 392 -31.92 -4.29 16.24
CA HIS A 392 -32.91 -4.35 17.31
C HIS A 392 -34.08 -3.39 17.09
N GLU A 393 -33.96 -2.46 16.15
CA GLU A 393 -35.02 -1.52 15.84
C GLU A 393 -35.88 -1.96 14.66
N VAL A 394 -35.27 -2.55 13.62
CA VAL A 394 -36.04 -3.05 12.49
C VAL A 394 -36.97 -4.18 12.90
N LYS A 395 -36.69 -4.82 14.04
CA LYS A 395 -37.57 -5.84 14.61
C LYS A 395 -38.26 -5.26 15.84
N ARG A 396 -39.12 -4.26 15.59
CA ARG A 396 -39.84 -3.59 16.70
C ARG A 396 -41.26 -3.28 16.24
N GLU A 397 -42.26 -3.58 17.08
CA GLU A 397 -43.66 -3.33 16.76
C GLU A 397 -43.93 -1.82 16.69
CA LEU A 399 -42.39 0.72 13.87
C LEU A 399 -43.14 0.31 12.62
N PRO A 400 -43.52 1.29 11.81
CA PRO A 400 -44.25 0.97 10.57
C PRO A 400 -43.35 0.29 9.55
N VAL A 401 -43.99 -0.20 8.49
CA VAL A 401 -43.25 -0.90 7.44
C VAL A 401 -42.57 0.09 6.50
N GLU A 402 -43.26 1.18 6.15
CA GLU A 402 -42.67 2.19 5.28
C GLU A 402 -41.40 2.78 5.91
N GLN A 403 -41.36 2.90 7.23
CA GLN A 403 -40.13 3.29 7.90
C GLN A 403 -39.15 2.13 8.01
N ARG A 404 -39.66 0.90 8.11
CA ARG A 404 -38.78 -0.27 8.16
C ARG A 404 -38.12 -0.50 6.81
N ASN A 405 -38.85 -0.29 5.72
CA ASN A 405 -38.29 -0.53 4.39
C ASN A 405 -37.24 0.52 4.04
N GLU A 406 -37.45 1.77 4.47
CA GLU A 406 -36.47 2.82 4.21
C GLU A 406 -35.15 2.55 4.91
N ILE A 407 -35.15 1.74 5.97
CA ILE A 407 -33.92 1.42 6.69
C ILE A 407 -33.22 0.21 6.07
N LEU A 408 -33.99 -0.79 5.63
CA LEU A 408 -33.40 -1.97 5.02
C LEU A 408 -32.60 -1.61 3.78
N THR A 409 -33.18 -0.80 2.89
CA THR A 409 -32.50 -0.39 1.68
C THR A 409 -31.25 0.42 1.96
N ALA A 410 -31.14 1.02 3.15
CA ALA A 410 -29.96 1.79 3.49
C ALA A 410 -28.81 0.91 3.93
N ILE A 411 -29.08 -0.13 4.71
CA ILE A 411 -28.05 -0.99 5.30
C ILE A 411 -27.94 -2.33 4.60
N LEU A 412 -28.71 -2.58 3.55
CA LEU A 412 -28.67 -3.88 2.88
C LEU A 412 -27.31 -4.14 2.26
N ALA A 413 -26.91 -3.30 1.30
CA ALA A 413 -25.65 -3.52 0.60
C ALA A 413 -24.45 -3.42 1.54
N SER A 414 -24.53 -2.58 2.57
CA SER A 414 -23.43 -2.46 3.51
C SER A 414 -23.28 -3.71 4.37
N LEU A 415 -24.39 -4.42 4.62
CA LEU A 415 -24.32 -5.62 5.45
C LEU A 415 -23.83 -6.83 4.66
N THR A 416 -24.25 -6.97 3.41
CA THR A 416 -23.79 -8.09 2.59
C THR A 416 -22.31 -7.98 2.29
N ALA A 417 -21.83 -6.76 2.00
CA ALA A 417 -20.41 -6.57 1.79
C ALA A 417 -19.60 -6.96 3.02
N ARG A 418 -20.12 -6.65 4.21
CA ARG A 418 -19.46 -7.08 5.44
C ARG A 418 -19.43 -8.60 5.55
N GLN A 419 -20.42 -9.28 4.97
CA GLN A 419 -20.43 -10.74 5.00
C GLN A 419 -19.52 -11.33 3.93
N ASN A 420 -19.52 -10.74 2.73
CA ASN A 420 -18.66 -11.25 1.66
C ASN A 420 -17.19 -11.00 1.97
N LEU A 421 -16.86 -9.79 2.41
CA LEU A 421 -15.47 -9.47 2.71
C LEU A 421 -14.94 -10.25 3.91
N ARG A 422 -15.80 -10.52 4.90
CA ARG A 422 -15.39 -11.35 6.03
C ARG A 422 -15.10 -12.77 5.59
N ARG A 423 -15.76 -13.24 4.53
CA ARG A 423 -15.47 -14.57 4.01
C ARG A 423 -14.14 -14.59 3.26
N GLU A 424 -13.83 -13.51 2.52
CA GLU A 424 -12.55 -13.41 1.84
C GLU A 424 -11.40 -13.34 2.85
N TRP A 425 -11.56 -12.51 3.89
CA TRP A 425 -10.51 -12.38 4.89
C TRP A 425 -10.35 -13.65 5.71
N HIS A 426 -11.43 -14.42 5.89
CA HIS A 426 -11.31 -15.70 6.58
C HIS A 426 -10.49 -16.69 5.77
N ALA A 427 -10.64 -16.66 4.44
CA ALA A 427 -9.84 -17.53 3.57
C ALA A 427 -8.44 -17.00 3.35
N ARG A 428 -8.27 -15.68 3.31
CA ARG A 428 -6.94 -15.11 3.13
C ARG A 428 -6.03 -15.44 4.29
N CYS A 429 -6.59 -15.49 5.51
CA CYS A 429 -5.80 -15.85 6.68
C CYS A 429 -5.57 -17.35 6.79
N GLN A 430 -6.33 -18.16 6.05
CA GLN A 430 -6.25 -19.61 6.12
C GLN A 430 -6.14 -20.17 4.70
N SER A 431 -4.96 -20.00 4.09
CA SER A 431 -4.66 -20.62 2.82
C SER A 431 -3.39 -21.47 2.96
N ARG A 432 -3.25 -22.44 2.06
CA ARG A 432 -2.11 -23.35 2.13
C ARG A 432 -0.79 -22.61 2.06
N ILE A 433 -0.75 -21.47 1.36
CA ILE A 433 0.43 -20.65 1.34
C ILE A 433 0.55 -19.84 2.63
N ALA A 434 -0.57 -19.51 3.26
CA ALA A 434 -0.57 -18.70 4.48
C ALA A 434 -0.19 -19.48 5.73
N ARG A 435 0.11 -20.78 5.61
CA ARG A 435 0.55 -21.58 6.74
C ARG A 435 2.05 -21.82 6.74
N THR A 436 2.78 -21.20 5.82
CA THR A 436 4.20 -21.45 5.65
C THR A 436 5.08 -20.28 6.07
N LEU A 437 4.50 -19.18 6.53
CA LEU A 437 5.29 -18.05 6.99
C LEU A 437 5.87 -18.34 8.37
N PRO A 438 6.90 -17.60 8.78
CA PRO A 438 7.39 -17.71 10.16
C PRO A 438 6.30 -17.38 11.16
N ALA A 439 6.49 -17.87 12.38
CA ALA A 439 5.46 -17.73 13.41
C ALA A 439 5.15 -16.27 13.71
N ASP A 440 6.18 -15.44 13.84
CA ASP A 440 5.99 -14.03 14.16
C ASP A 440 5.43 -13.22 13.00
N GLN A 441 5.13 -13.85 11.87
CA GLN A 441 4.60 -13.14 10.71
C GLN A 441 3.33 -13.77 10.13
N LYS A 442 2.85 -14.88 10.70
CA LYS A 442 1.66 -15.53 10.19
C LYS A 442 0.45 -14.62 10.35
N PRO A 443 -0.51 -14.68 9.41
CA PRO A 443 -1.69 -13.83 9.52
C PRO A 443 -2.60 -14.23 10.68
N GLU A 444 -3.21 -13.22 11.29
CA GLU A 444 -4.19 -13.42 12.35
C GLU A 444 -5.52 -12.85 11.89
N CYS A 445 -6.58 -13.64 12.02
CA CYS A 445 -7.89 -13.23 11.55
C CYS A 445 -8.61 -12.36 12.58
N ARG A 446 -7.90 -11.36 13.12
CA ARG A 446 -8.43 -10.46 14.14
C ARG A 446 -9.19 -9.31 13.47
N PRO A 447 -10.38 -8.94 13.97
CA PRO A 447 -11.03 -9.55 15.13
C PRO A 447 -11.95 -10.72 14.78
N TYR A 448 -11.78 -11.83 15.50
CA TYR A 448 -12.59 -13.01 15.31
C TYR A 448 -13.23 -13.42 16.64
N TRP A 449 -14.41 -14.01 16.56
CA TRP A 449 -15.14 -14.46 17.74
C TRP A 449 -16.18 -15.49 17.32
N GLU A 450 -16.48 -16.40 18.23
CA GLU A 450 -17.42 -17.48 17.95
C GLU A 450 -18.82 -17.10 18.39
N LYS A 451 -19.78 -18.01 18.13
CA LYS A 451 -21.14 -17.79 18.60
C LYS A 451 -21.21 -17.87 20.12
N ASP A 452 -20.34 -18.66 20.75
CA ASP A 452 -20.28 -18.73 22.20
C ASP A 452 -19.74 -17.44 22.82
N ASP A 453 -19.00 -16.65 22.05
CA ASP A 453 -18.46 -15.39 22.54
C ASP A 453 -19.58 -14.41 22.87
N ALA A 454 -19.92 -14.29 24.16
CA ALA A 454 -20.96 -13.36 24.59
C ALA A 454 -20.45 -11.94 24.73
N SER A 455 -19.17 -11.69 24.47
CA SER A 455 -18.64 -10.33 24.54
C SER A 455 -19.13 -9.48 23.38
N MET A 456 -19.33 -10.09 22.21
CA MET A 456 -19.78 -9.39 21.01
C MET A 456 -21.31 -9.43 20.92
N PRO A 457 -21.93 -8.29 20.61
CA PRO A 457 -23.40 -8.26 20.49
C PRO A 457 -23.94 -8.90 19.22
N LEU A 458 -23.09 -9.23 18.26
CA LEU A 458 -23.50 -9.78 16.98
C LEU A 458 -22.54 -10.88 16.58
N PRO A 459 -22.99 -11.82 15.76
CA PRO A 459 -22.14 -12.95 15.36
C PRO A 459 -21.28 -12.62 14.13
N PHE A 460 -20.35 -13.54 13.85
CA PHE A 460 -19.47 -13.43 12.70
C PHE A 460 -20.25 -13.70 11.41
N ASP A 461 -20.71 -14.94 11.24
CA ASP A 461 -21.52 -15.29 10.09
C ASP A 461 -22.84 -14.54 10.13
N LEU A 462 -23.14 -13.80 9.06
CA LEU A 462 -24.32 -12.96 8.99
C LEU A 462 -25.38 -13.47 8.03
N THR A 463 -25.18 -14.67 7.45
CA THR A 463 -26.15 -15.20 6.51
C THR A 463 -27.51 -15.39 7.17
N ASP A 464 -27.53 -15.83 8.43
CA ASP A 464 -28.78 -15.93 9.17
C ASP A 464 -29.36 -14.56 9.52
N ILE A 465 -28.70 -13.48 9.14
CA ILE A 465 -29.15 -12.12 9.41
C ILE A 465 -29.37 -11.33 8.13
N VAL A 466 -28.49 -11.49 7.14
CA VAL A 466 -28.68 -10.76 5.89
C VAL A 466 -29.79 -11.40 5.06
N SER A 467 -29.96 -12.72 5.14
CA SER A 467 -31.05 -13.36 4.41
C SER A 467 -32.38 -13.09 5.11
N GLU A 468 -32.38 -13.04 6.44
CA GLU A 468 -33.57 -12.60 7.16
C GLU A 468 -33.91 -11.15 6.84
N LEU A 469 -32.89 -10.33 6.62
CA LEU A 469 -33.12 -8.96 6.18
C LEU A 469 -33.47 -8.89 4.69
N ARG A 470 -32.94 -9.82 3.89
CA ARG A 470 -33.29 -9.85 2.47
C ARG A 470 -34.72 -10.31 2.27
N GLY A 471 -35.18 -11.27 3.09
CA GLY A 471 -36.55 -11.73 2.98
C GLY A 471 -37.57 -10.71 3.43
N GLN A 472 -37.19 -9.83 4.36
CA GLN A 472 -38.11 -8.80 4.82
C GLN A 472 -38.38 -7.77 3.73
N LEU A 473 -37.36 -7.44 2.93
CA LEU A 473 -37.54 -6.49 1.84
C LEU A 473 -38.48 -7.02 0.76
N LEU A 474 -38.66 -8.33 0.67
CA LEU A 474 -39.58 -8.92 -0.29
C LEU A 474 -40.96 -9.14 0.33
N GLU A 475 -41.03 -9.96 1.38
CA GLU A 475 -42.29 -10.24 2.06
C GLU A 475 -42.60 -9.15 3.09
#